data_5KIL
#
_entry.id   5KIL
#
_cell.length_a   153.954
_cell.length_b   153.954
_cell.length_c   92.548
_cell.angle_alpha   90.00
_cell.angle_beta   90.00
_cell.angle_gamma   90.00
#
_symmetry.space_group_name_H-M   'P 43 21 2'
#
loop_
_entity.id
_entity.type
_entity.pdbx_description
1 polymer 'CmlA protein'
2 non-polymer MU-OXO-DIIRON
3 non-polymer 'POTASSIUM ION'
4 non-polymer 'ACETATE ION'
5 water water
#
_entity_poly.entity_id   1
_entity_poly.type   'polypeptide(L)'
_entity_poly.pdbx_seq_one_letter_code
;MGSSHHHHHSSGLVPRGSHMRYSLRQDIAVEPVIAGWYGWSYLLPPQTLARFVHNRFNRIVESYLDDPQVHAAAVRQRRM
HGGPWIHAHEHRDAIEAWYRETAPRRERLDELFEAVRRLEEDILPRHHGECLDPVYQELPAALAGRVEVFYGRDNRTADY
RFVEPLMYASEYYDESWQQVRFRPVTEDAREFALTTPMLEYGPEQLLVNVPLNSPLLDAVFRGGLTGTELDDLAARFGLD
GERAARFASYFEPTPAASEAPAPASSSEEDVLEYVGHACVFARHRGTTFLVDPVLSYSGYPGGAENRFTFADLPERIDHL
LITHNHQDHMLFETLLRIRHRVGRVLVPKSTNASLVDPGLGGILRRLGFTDVVEVDDLETLSCGSAEVVALPFLGDHGDL
RIRSKTGWLIRFGERSVLFAADSTNISPTMYTKVAEVIGPVDTVFIGMESIGAAASWIYGPLYGEPLDRRTDQSRRLNGS
NFPQAREIVDALEPDEVYVYAMGLEPWMGVVMAVDYDESHPAIVDSDLLVRHVQDKGGTAERLHLRRTLRL
;
_entity_poly.pdbx_strand_id   A
#
loop_
_chem_comp.id
_chem_comp.type
_chem_comp.name
_chem_comp.formula
ACT non-polymer 'ACETATE ION' 'C2 H3 O2 -1'
FEO non-polymer MU-OXO-DIIRON 'Fe2 O'
K non-polymer 'POTASSIUM ION' 'K 1'
#
# COMPACT_ATOMS: atom_id res chain seq x y z
N ARG A 21 -9.69 33.45 -1.23
CA ARG A 21 -9.50 31.96 -1.48
C ARG A 21 -8.47 31.11 -0.62
N TYR A 22 -8.87 29.88 -0.27
CA TYR A 22 -8.17 28.99 0.69
C TYR A 22 -7.93 27.57 0.20
N SER A 23 -7.05 26.87 0.92
CA SER A 23 -6.50 25.60 0.53
C SER A 23 -6.17 24.77 1.79
N LEU A 24 -5.94 23.48 1.66
CA LEU A 24 -5.62 22.72 2.86
C LEU A 24 -4.24 23.12 3.34
N ARG A 25 -4.06 23.14 4.65
CA ARG A 25 -2.76 23.47 5.20
C ARG A 25 -1.79 22.31 4.93
N GLN A 26 -0.52 22.61 4.62
CA GLN A 26 0.47 21.57 4.47
C GLN A 26 0.61 20.70 5.73
N ASP A 27 0.30 21.23 6.90
CA ASP A 27 0.54 20.48 8.15
C ASP A 27 -0.69 19.72 8.71
N ILE A 28 -1.77 19.66 7.92
CA ILE A 28 -2.92 18.77 8.24
C ILE A 28 -2.88 17.46 7.41
N ALA A 29 -2.94 16.31 8.06
CA ALA A 29 -3.07 15.04 7.33
C ALA A 29 -4.51 14.57 7.32
N VAL A 30 -4.85 13.95 6.21
CA VAL A 30 -6.20 13.43 6.03
C VAL A 30 -6.11 11.91 5.89
N GLU A 31 -6.37 11.19 6.98
CA GLU A 31 -6.04 9.77 7.14
C GLU A 31 -7.19 8.88 6.66
N PRO A 32 -6.86 7.83 5.88
CA PRO A 32 -7.90 6.96 5.30
C PRO A 32 -8.38 5.98 6.33
N VAL A 33 -9.66 5.68 6.35
CA VAL A 33 -10.20 4.84 7.39
C VAL A 33 -11.20 3.89 6.75
N ILE A 34 -11.00 2.59 6.91
CA ILE A 34 -12.00 1.63 6.46
C ILE A 34 -12.36 0.73 7.60
N ALA A 35 -13.67 0.61 7.82
CA ALA A 35 -14.26 -0.20 8.88
C ALA A 35 -13.66 -0.03 10.27
N GLY A 36 -13.31 1.21 10.59
CA GLY A 36 -12.66 1.49 11.85
C GLY A 36 -11.14 1.53 11.78
N TRP A 37 -10.52 1.11 10.67
CA TRP A 37 -9.03 0.95 10.72
C TRP A 37 -8.28 1.68 9.66
N TYR A 38 -7.04 1.98 9.98
CA TYR A 38 -6.20 2.72 9.05
C TYR A 38 -6.29 1.99 7.72
N GLY A 39 -6.54 2.69 6.63
CA GLY A 39 -6.98 2.03 5.40
C GLY A 39 -5.89 1.63 4.46
N TRP A 40 -6.01 0.44 3.92
CA TRP A 40 -5.06 -0.02 2.92
C TRP A 40 -5.68 -1.08 2.02
N SER A 41 -4.94 -1.45 0.98
CA SER A 41 -5.41 -2.37 -0.05
C SER A 41 -6.37 -3.45 0.40
N TYR A 42 -5.95 -4.29 1.32
CA TYR A 42 -6.68 -5.50 1.64
C TYR A 42 -7.93 -5.28 2.46
N LEU A 43 -8.22 -4.04 2.82
CA LEU A 43 -9.44 -3.74 3.54
C LEU A 43 -10.53 -3.32 2.58
N LEU A 44 -10.15 -3.13 1.33
CA LEU A 44 -11.13 -2.62 0.39
C LEU A 44 -12.17 -3.66 -0.09
N PRO A 45 -11.70 -4.83 -0.59
CA PRO A 45 -12.51 -5.93 -1.17
C PRO A 45 -13.11 -6.63 -0.04
N PRO A 46 -14.44 -6.84 -0.07
CA PRO A 46 -15.11 -7.36 1.15
C PRO A 46 -14.54 -8.69 1.64
N GLN A 47 -14.38 -9.63 0.71
CA GLN A 47 -13.69 -10.94 0.96
C GLN A 47 -12.27 -10.86 1.68
N THR A 48 -11.48 -9.84 1.48
CA THR A 48 -10.29 -9.77 2.28
C THR A 48 -10.61 -9.01 3.58
N LEU A 49 -11.34 -7.89 3.52
CA LEU A 49 -11.78 -7.24 4.78
C LEU A 49 -12.17 -8.27 5.82
N ALA A 50 -13.14 -9.11 5.43
CA ALA A 50 -13.71 -10.16 6.28
C ALA A 50 -12.67 -11.06 6.92
N ARG A 51 -11.67 -11.50 6.16
CA ARG A 51 -10.58 -12.31 6.82
C ARG A 51 -9.81 -11.49 7.83
N PHE A 52 -9.55 -10.23 7.53
CA PHE A 52 -8.87 -9.40 8.53
C PHE A 52 -9.71 -9.08 9.76
N VAL A 53 -10.98 -8.68 9.54
CA VAL A 53 -11.82 -8.34 10.67
C VAL A 53 -11.90 -9.55 11.59
N HIS A 54 -12.21 -10.73 11.05
CA HIS A 54 -12.46 -11.87 11.90
C HIS A 54 -11.20 -12.44 12.57
N ASN A 55 -10.17 -12.60 11.76
CA ASN A 55 -8.98 -13.28 12.21
C ASN A 55 -7.96 -12.33 12.83
N ARG A 56 -8.20 -11.01 12.77
CA ARG A 56 -7.21 -10.08 13.35
C ARG A 56 -7.84 -8.94 14.10
N PHE A 57 -8.52 -8.03 13.40
CA PHE A 57 -9.18 -6.93 14.13
C PHE A 57 -10.11 -7.26 15.33
N ASN A 58 -10.95 -8.29 15.26
CA ASN A 58 -11.71 -8.61 16.51
C ASN A 58 -10.84 -9.13 17.60
N ARG A 59 -9.92 -10.01 17.26
CA ARG A 59 -8.96 -10.49 18.26
C ARG A 59 -8.23 -9.29 18.91
N ILE A 60 -7.81 -8.28 18.13
CA ILE A 60 -7.11 -7.17 18.79
C ILE A 60 -7.97 -6.38 19.77
N VAL A 61 -9.22 -6.07 19.39
CA VAL A 61 -10.14 -5.31 20.24
C VAL A 61 -10.48 -6.03 21.54
N GLU A 62 -11.00 -7.27 21.43
CA GLU A 62 -11.40 -8.12 22.58
C GLU A 62 -10.27 -8.30 23.58
N SER A 63 -9.13 -8.81 23.11
CA SER A 63 -7.92 -8.81 23.90
C SER A 63 -7.63 -7.51 24.68
N TYR A 64 -7.88 -6.35 24.03
CA TYR A 64 -7.74 -5.07 24.73
C TYR A 64 -8.87 -4.78 25.75
N LEU A 65 -10.13 -4.97 25.37
CA LEU A 65 -11.20 -4.77 26.34
C LEU A 65 -10.96 -5.54 27.65
N ASP A 66 -10.46 -6.75 27.52
CA ASP A 66 -10.12 -7.58 28.66
C ASP A 66 -8.99 -7.09 29.53
N ASP A 67 -7.90 -6.60 28.95
CA ASP A 67 -6.83 -6.08 29.79
C ASP A 67 -6.01 -4.91 29.22
N PRO A 68 -6.60 -3.71 29.28
CA PRO A 68 -5.97 -2.51 28.70
C PRO A 68 -4.52 -2.40 29.09
N GLN A 69 -4.18 -3.09 30.16
CA GLN A 69 -2.87 -2.97 30.74
C GLN A 69 -1.75 -3.57 29.89
N VAL A 70 -2.02 -4.75 29.32
CA VAL A 70 -1.04 -5.45 28.50
C VAL A 70 -0.54 -4.51 27.40
N HIS A 71 -1.52 -3.80 26.83
CA HIS A 71 -1.39 -3.01 25.62
C HIS A 71 -0.58 -1.79 25.93
N ALA A 72 -0.93 -1.12 27.04
CA ALA A 72 -0.19 0.04 27.51
C ALA A 72 1.26 -0.35 27.74
N ALA A 73 1.39 -1.44 28.53
CA ALA A 73 2.66 -2.02 28.89
C ALA A 73 3.45 -2.31 27.59
N ALA A 74 2.78 -2.94 26.62
CA ALA A 74 3.37 -3.23 25.33
C ALA A 74 3.77 -1.96 24.55
N VAL A 75 2.80 -1.02 24.46
CA VAL A 75 2.99 0.26 23.71
C VAL A 75 4.22 1.01 24.20
N ARG A 76 4.37 1.06 25.52
CA ARG A 76 5.53 1.68 26.15
C ARG A 76 6.95 1.19 25.73
N GLN A 77 7.20 -0.12 25.50
CA GLN A 77 8.52 -0.46 24.89
C GLN A 77 8.43 -0.30 23.41
N ARG A 78 9.19 0.65 22.91
CA ARG A 78 9.25 0.98 21.51
C ARG A 78 9.38 -0.29 20.66
N ARG A 79 10.27 -1.18 21.10
CA ARG A 79 10.61 -2.40 20.38
C ARG A 79 9.47 -3.39 20.21
N MET A 80 8.33 -3.13 20.85
CA MET A 80 7.16 -3.99 20.70
C MET A 80 6.03 -3.41 19.76
N HIS A 81 6.37 -2.30 19.12
CA HIS A 81 5.52 -1.60 18.15
C HIS A 81 5.49 -2.38 16.87
N GLY A 82 4.32 -2.48 16.28
CA GLY A 82 4.20 -3.37 15.17
C GLY A 82 3.49 -4.61 15.64
N GLY A 83 3.51 -4.93 16.92
CA GLY A 83 2.72 -6.10 17.36
C GLY A 83 1.24 -5.72 17.36
N PRO A 84 0.34 -6.66 17.76
CA PRO A 84 -1.15 -6.52 17.76
C PRO A 84 -1.73 -5.68 18.95
N TRP A 85 -1.28 -4.43 19.04
CA TRP A 85 -1.44 -3.60 20.22
C TRP A 85 -2.09 -2.28 19.90
N ILE A 86 -3.18 -1.95 20.61
CA ILE A 86 -3.85 -0.65 20.51
C ILE A 86 -3.10 0.55 21.14
N HIS A 87 -2.70 1.54 20.32
CA HIS A 87 -1.91 2.69 20.81
C HIS A 87 -2.65 3.80 21.56
N ALA A 88 -3.97 3.78 21.59
CA ALA A 88 -4.69 4.77 22.34
C ALA A 88 -5.41 4.08 23.48
N HIS A 89 -4.64 3.62 24.47
CA HIS A 89 -5.17 2.79 25.54
C HIS A 89 -5.95 3.61 26.55
N GLU A 90 -5.56 4.87 26.76
CA GLU A 90 -6.34 5.81 27.59
C GLU A 90 -7.87 5.80 27.32
N HIS A 91 -8.28 5.47 26.07
CA HIS A 91 -9.64 5.79 25.56
C HIS A 91 -10.59 4.63 25.52
N ARG A 92 -10.38 3.74 26.46
CA ARG A 92 -11.25 2.60 26.74
C ARG A 92 -12.76 2.81 26.51
N ASP A 93 -13.33 3.90 26.97
CA ASP A 93 -14.80 4.01 26.90
C ASP A 93 -15.33 4.17 25.51
N ALA A 94 -14.66 5.05 24.76
CA ALA A 94 -14.92 5.34 23.35
C ALA A 94 -14.81 4.09 22.48
N ILE A 95 -13.67 3.41 22.56
CA ILE A 95 -13.44 2.14 21.89
C ILE A 95 -14.55 1.13 22.19
N GLU A 96 -14.92 0.97 23.47
CA GLU A 96 -16.00 0.05 23.75
C GLU A 96 -17.33 0.45 23.04
N ALA A 97 -17.62 1.75 22.96
CA ALA A 97 -18.90 2.15 22.42
C ALA A 97 -18.89 1.92 20.95
N TRP A 98 -17.71 2.17 20.35
CA TRP A 98 -17.49 2.02 18.91
C TRP A 98 -17.67 0.56 18.50
N TYR A 99 -16.95 -0.36 19.16
CA TYR A 99 -17.19 -1.80 18.98
C TYR A 99 -18.67 -2.19 18.95
N ARG A 100 -19.45 -1.66 19.88
CA ARG A 100 -20.78 -2.11 20.06
C ARG A 100 -21.70 -1.45 19.05
N GLU A 101 -21.43 -0.18 18.71
CA GLU A 101 -22.17 0.53 17.64
C GLU A 101 -22.09 -0.21 16.29
N THR A 102 -20.96 -0.86 16.05
CA THR A 102 -20.69 -1.48 14.77
C THR A 102 -20.94 -2.99 14.77
N ALA A 103 -21.72 -3.50 15.70
CA ALA A 103 -21.87 -4.94 15.76
C ALA A 103 -22.64 -5.48 14.56
N PRO A 104 -23.69 -4.76 14.10
CA PRO A 104 -24.41 -5.28 12.91
C PRO A 104 -23.56 -5.38 11.62
N ARG A 105 -22.45 -4.63 11.58
CA ARG A 105 -21.51 -4.64 10.47
C ARG A 105 -20.62 -5.84 10.54
N ARG A 106 -19.95 -5.99 11.67
CA ARG A 106 -19.05 -7.12 11.95
C ARG A 106 -19.78 -8.48 11.81
N GLU A 107 -21.12 -8.43 11.82
CA GLU A 107 -21.97 -9.58 11.78
C GLU A 107 -22.40 -9.92 10.35
N ARG A 108 -22.84 -8.92 9.59
CA ARG A 108 -23.04 -9.12 8.15
C ARG A 108 -21.75 -9.54 7.41
N LEU A 109 -20.61 -8.94 7.72
CA LEU A 109 -19.30 -9.44 7.26
C LEU A 109 -18.92 -10.91 7.69
N ASP A 110 -19.08 -11.26 8.96
CA ASP A 110 -18.99 -12.68 9.29
C ASP A 110 -19.86 -13.65 8.45
N GLU A 111 -21.02 -13.20 7.98
CA GLU A 111 -21.82 -14.00 7.05
C GLU A 111 -21.00 -14.40 5.77
N LEU A 112 -20.16 -13.50 5.27
CA LEU A 112 -19.27 -13.79 4.16
C LEU A 112 -18.13 -14.68 4.60
N PHE A 113 -17.49 -14.34 5.73
CA PHE A 113 -16.39 -15.19 6.25
C PHE A 113 -16.79 -16.68 6.32
N GLU A 114 -18.03 -16.91 6.78
CA GLU A 114 -18.55 -18.24 6.95
C GLU A 114 -18.77 -18.89 5.59
N ALA A 115 -19.41 -18.17 4.67
CA ALA A 115 -19.56 -18.68 3.28
C ALA A 115 -18.23 -19.17 2.73
N VAL A 116 -17.19 -18.38 2.93
CA VAL A 116 -15.95 -18.71 2.30
C VAL A 116 -15.32 -19.91 2.96
N ARG A 117 -15.39 -19.99 4.29
CA ARG A 117 -14.84 -21.14 5.06
C ARG A 117 -15.61 -22.38 4.63
N ARG A 118 -16.91 -22.19 4.39
CA ARG A 118 -17.78 -23.27 4.07
C ARG A 118 -17.38 -23.84 2.75
N LEU A 119 -17.20 -23.00 1.72
CA LEU A 119 -16.76 -23.44 0.39
C LEU A 119 -15.32 -24.04 0.41
N GLU A 120 -14.33 -23.41 1.04
CA GLU A 120 -12.98 -24.01 1.07
C GLU A 120 -12.91 -25.37 1.85
N GLU A 121 -13.70 -25.48 2.91
CA GLU A 121 -13.61 -26.59 3.89
C GLU A 121 -14.69 -27.71 3.71
N ASP A 122 -15.97 -27.35 3.48
CA ASP A 122 -17.01 -28.37 3.34
C ASP A 122 -17.29 -28.79 1.87
N ILE A 123 -17.33 -27.83 0.96
CA ILE A 123 -17.74 -28.10 -0.42
C ILE A 123 -16.63 -28.60 -1.34
N LEU A 124 -15.48 -27.90 -1.39
CA LEU A 124 -14.42 -28.24 -2.39
C LEU A 124 -13.67 -29.54 -2.17
N PRO A 125 -13.52 -29.97 -0.93
CA PRO A 125 -12.75 -31.20 -0.90
C PRO A 125 -13.61 -32.42 -1.20
N ARG A 126 -14.94 -32.29 -1.18
CA ARG A 126 -15.86 -33.37 -1.57
C ARG A 126 -15.52 -33.96 -2.99
N HIS A 127 -14.95 -33.15 -3.90
CA HIS A 127 -14.82 -33.48 -5.34
C HIS A 127 -13.43 -33.96 -5.76
N HIS A 128 -13.33 -34.96 -6.65
CA HIS A 128 -12.01 -35.62 -6.86
C HIS A 128 -11.55 -35.76 -8.31
N GLY A 129 -12.21 -35.06 -9.23
CA GLY A 129 -11.69 -34.93 -10.58
C GLY A 129 -12.81 -34.93 -11.56
N GLU A 130 -14.00 -35.16 -11.09
CA GLU A 130 -15.17 -35.21 -11.99
C GLU A 130 -15.68 -33.81 -12.23
N CYS A 131 -16.58 -33.67 -13.18
CA CYS A 131 -17.37 -32.42 -13.34
C CYS A 131 -17.73 -31.72 -12.01
N LEU A 132 -17.63 -30.38 -11.98
CA LEU A 132 -17.86 -29.55 -10.79
C LEU A 132 -19.26 -28.84 -10.81
N ASP A 133 -20.04 -29.06 -11.85
CA ASP A 133 -21.23 -28.27 -12.03
C ASP A 133 -22.20 -28.39 -10.88
N PRO A 134 -22.17 -29.55 -10.18
CA PRO A 134 -23.00 -29.75 -8.97
C PRO A 134 -22.77 -28.73 -7.79
N VAL A 135 -21.75 -27.90 -7.88
CA VAL A 135 -21.24 -27.03 -6.79
C VAL A 135 -21.90 -25.66 -6.77
N TYR A 136 -22.23 -25.16 -7.95
CA TYR A 136 -22.89 -23.92 -8.13
C TYR A 136 -24.36 -24.09 -7.59
N GLN A 137 -24.71 -25.33 -7.25
CA GLN A 137 -26.02 -25.74 -6.83
C GLN A 137 -26.12 -25.57 -5.32
N GLU A 138 -24.93 -25.61 -4.71
CA GLU A 138 -24.73 -25.68 -3.26
C GLU A 138 -24.05 -24.47 -2.64
N LEU A 139 -23.86 -23.43 -3.44
CA LEU A 139 -23.08 -22.32 -2.97
C LEU A 139 -23.90 -21.54 -1.95
N PRO A 140 -23.25 -21.15 -0.83
CA PRO A 140 -23.87 -20.24 0.15
C PRO A 140 -24.47 -19.01 -0.56
N ALA A 141 -25.65 -18.58 -0.14
CA ALA A 141 -26.23 -17.38 -0.74
C ALA A 141 -25.20 -16.22 -0.89
N ALA A 142 -24.35 -16.02 0.12
CA ALA A 142 -23.24 -15.03 0.00
C ALA A 142 -22.38 -15.13 -1.30
N LEU A 143 -22.16 -16.34 -1.82
CA LEU A 143 -21.25 -16.51 -2.97
C LEU A 143 -21.91 -16.85 -4.28
N ALA A 144 -23.21 -17.07 -4.20
CA ALA A 144 -23.98 -17.49 -5.33
C ALA A 144 -23.74 -16.52 -6.48
N GLY A 145 -23.23 -16.99 -7.62
CA GLY A 145 -23.00 -16.13 -8.74
C GLY A 145 -21.71 -15.32 -8.69
N ARG A 146 -20.85 -15.50 -7.68
CA ARG A 146 -19.78 -14.55 -7.46
C ARG A 146 -18.42 -15.23 -7.40
N VAL A 147 -18.42 -16.50 -7.79
CA VAL A 147 -17.23 -17.34 -7.81
C VAL A 147 -17.25 -18.29 -9.00
N GLU A 148 -16.04 -18.72 -9.36
CA GLU A 148 -15.75 -19.67 -10.39
C GLU A 148 -14.83 -20.73 -9.75
N VAL A 149 -15.06 -21.98 -10.10
CA VAL A 149 -14.42 -23.11 -9.47
C VAL A 149 -13.92 -23.94 -10.62
N PHE A 150 -12.87 -24.70 -10.29
CA PHE A 150 -11.99 -25.37 -11.28
C PHE A 150 -10.96 -26.28 -10.59
N TYR A 151 -10.37 -27.24 -11.29
CA TYR A 151 -9.22 -28.00 -10.69
C TYR A 151 -7.88 -27.33 -10.92
N GLY A 152 -6.90 -27.54 -10.05
CA GLY A 152 -5.48 -27.13 -10.34
C GLY A 152 -4.76 -28.14 -11.21
N ARG A 153 -3.44 -28.04 -11.26
CA ARG A 153 -2.62 -28.85 -12.20
C ARG A 153 -2.88 -30.33 -12.07
N ASP A 154 -2.91 -30.88 -10.85
CA ASP A 154 -3.15 -32.35 -10.66
C ASP A 154 -4.56 -32.78 -11.19
N ASN A 155 -5.40 -31.83 -11.61
CA ASN A 155 -6.68 -32.18 -12.14
C ASN A 155 -7.68 -32.81 -11.12
N ARG A 156 -7.26 -33.00 -9.88
CA ARG A 156 -8.10 -33.73 -8.93
C ARG A 156 -8.48 -32.86 -7.74
N THR A 157 -7.68 -31.80 -7.50
CA THR A 157 -7.85 -30.91 -6.34
C THR A 157 -8.52 -29.61 -6.70
N ALA A 158 -9.74 -29.37 -6.17
CA ALA A 158 -10.58 -28.26 -6.61
C ALA A 158 -10.17 -26.98 -5.92
N ASP A 159 -10.25 -25.85 -6.63
CA ASP A 159 -9.90 -24.49 -6.16
C ASP A 159 -10.96 -23.46 -6.69
N TYR A 160 -10.76 -22.17 -6.49
CA TYR A 160 -11.79 -21.24 -6.91
C TYR A 160 -11.16 -19.84 -7.02
N ARG A 161 -11.96 -18.90 -7.54
CA ARG A 161 -11.60 -17.51 -7.61
C ARG A 161 -12.91 -16.67 -7.51
N PHE A 162 -12.82 -15.40 -7.06
CA PHE A 162 -13.98 -14.56 -6.96
C PHE A 162 -14.10 -13.82 -8.25
N VAL A 163 -15.32 -13.55 -8.69
CA VAL A 163 -15.58 -12.65 -9.80
C VAL A 163 -15.58 -11.26 -9.12
N GLU A 164 -14.42 -10.55 -9.17
CA GLU A 164 -14.20 -9.39 -8.27
C GLU A 164 -15.26 -8.26 -8.40
N PRO A 165 -15.63 -7.92 -9.65
CA PRO A 165 -16.56 -6.79 -9.77
C PRO A 165 -17.95 -7.12 -9.18
N LEU A 166 -18.35 -8.38 -9.18
CA LEU A 166 -19.59 -8.76 -8.57
C LEU A 166 -19.56 -8.73 -7.05
N MET A 167 -18.35 -8.79 -6.52
CA MET A 167 -18.18 -8.73 -5.08
C MET A 167 -18.39 -7.33 -4.62
N TYR A 168 -17.90 -6.42 -5.45
CA TYR A 168 -17.90 -5.03 -5.07
C TYR A 168 -19.32 -4.57 -5.26
N ALA A 169 -20.03 -5.31 -6.09
CA ALA A 169 -21.40 -4.97 -6.40
C ALA A 169 -22.29 -5.45 -5.25
N SER A 170 -21.73 -6.31 -4.39
CA SER A 170 -22.56 -6.97 -3.41
C SER A 170 -22.79 -6.10 -2.18
N GLU A 171 -23.67 -6.54 -1.31
CA GLU A 171 -23.91 -5.76 -0.12
C GLU A 171 -22.69 -5.80 0.82
N TYR A 172 -21.70 -6.68 0.59
CA TYR A 172 -20.58 -6.83 1.55
C TYR A 172 -19.53 -5.73 1.41
N TYR A 173 -19.38 -5.18 0.20
CA TYR A 173 -18.63 -3.94 -0.01
C TYR A 173 -19.57 -2.81 0.27
N ASP A 174 -19.26 -2.03 1.31
CA ASP A 174 -20.16 -0.96 1.71
C ASP A 174 -19.39 0.35 1.95
N GLU A 175 -19.53 1.26 1.00
CA GLU A 175 -18.88 2.58 1.03
C GLU A 175 -19.08 3.38 2.31
N SER A 176 -20.28 3.33 2.86
CA SER A 176 -20.57 3.95 4.15
C SER A 176 -19.68 3.51 5.37
N TRP A 177 -18.91 2.42 5.27
N TRP A 177 -18.90 2.42 5.26
CA TRP A 177 -18.06 2.01 6.41
CA TRP A 177 -18.06 1.89 6.37
C TRP A 177 -16.69 2.68 6.27
C TRP A 177 -16.69 2.60 6.21
N GLN A 178 -16.64 3.62 5.33
CA GLN A 178 -15.40 4.37 5.02
C GLN A 178 -15.46 5.82 5.48
N GLN A 179 -14.28 6.36 5.79
CA GLN A 179 -14.18 7.62 6.49
C GLN A 179 -12.83 8.27 6.24
N VAL A 180 -12.68 9.52 6.69
CA VAL A 180 -11.37 10.13 6.76
C VAL A 180 -11.27 10.83 8.07
N ARG A 181 -10.06 10.90 8.59
CA ARG A 181 -9.86 11.59 9.82
C ARG A 181 -8.73 12.63 9.62
N PHE A 182 -9.12 13.92 9.62
CA PHE A 182 -8.19 15.03 9.60
C PHE A 182 -7.48 15.19 10.94
N ARG A 183 -6.17 15.45 10.89
CA ARG A 183 -5.47 15.83 12.11
C ARG A 183 -4.18 16.62 11.85
N PRO A 184 -3.79 17.42 12.85
CA PRO A 184 -2.55 18.15 12.59
C PRO A 184 -1.31 17.21 12.63
N VAL A 185 -0.24 17.65 11.98
CA VAL A 185 0.99 16.91 12.00
C VAL A 185 2.07 17.85 12.52
N THR A 186 2.66 17.48 13.65
CA THR A 186 3.55 18.40 14.34
C THR A 186 5.01 17.96 14.28
N GLU A 187 5.31 16.76 13.76
CA GLU A 187 6.71 16.31 13.66
C GLU A 187 6.94 15.28 12.61
N ASP A 188 8.23 14.99 12.33
CA ASP A 188 8.63 14.08 11.25
C ASP A 188 8.16 12.64 11.43
N ALA A 189 8.56 12.02 12.53
CA ALA A 189 8.19 10.65 12.83
C ALA A 189 6.68 10.43 12.95
N ARG A 190 6.24 9.20 12.67
CA ARG A 190 4.82 8.82 12.78
C ARG A 190 4.60 7.61 13.74
N GLU A 191 3.57 7.65 14.57
CA GLU A 191 3.30 6.47 15.38
C GLU A 191 2.68 5.34 14.51
N PHE A 192 2.95 4.08 14.88
CA PHE A 192 2.49 2.97 14.10
C PHE A 192 0.96 2.78 14.19
N ALA A 193 0.37 2.92 13.03
CA ALA A 193 -1.00 3.22 12.95
C ALA A 193 -1.95 2.06 12.70
N LEU A 194 -1.46 0.87 12.32
CA LEU A 194 -2.38 -0.19 11.79
C LEU A 194 -3.22 -1.02 12.73
N THR A 195 -3.00 -0.85 14.03
CA THR A 195 -3.52 -1.80 15.00
C THR A 195 -4.40 -1.13 16.04
N THR A 196 -4.77 0.12 15.79
CA THR A 196 -5.41 1.05 16.70
C THR A 196 -6.61 1.65 15.97
N PRO A 197 -7.84 1.54 16.54
CA PRO A 197 -9.05 2.09 15.81
C PRO A 197 -9.03 3.59 15.55
N MET A 198 -9.38 4.01 14.33
CA MET A 198 -9.39 5.43 13.94
C MET A 198 -10.61 6.18 14.50
N LEU A 199 -10.41 6.88 15.64
CA LEU A 199 -11.48 7.67 16.29
C LEU A 199 -10.99 9.07 16.60
N GLU A 200 -11.92 9.98 16.94
CA GLU A 200 -11.53 11.32 17.43
C GLU A 200 -11.01 11.19 18.87
N TYR A 201 -9.68 11.15 19.00
CA TYR A 201 -9.02 11.11 20.30
C TYR A 201 -8.73 12.48 20.92
N GLY A 202 -9.10 13.54 20.22
CA GLY A 202 -8.73 14.89 20.60
C GLY A 202 -9.51 15.88 19.77
N PRO A 203 -9.74 17.07 20.32
CA PRO A 203 -10.52 18.09 19.61
C PRO A 203 -9.84 18.62 18.32
N GLU A 204 -8.50 18.46 18.20
CA GLU A 204 -7.72 18.79 16.97
C GLU A 204 -8.10 17.88 15.76
N GLN A 205 -8.58 16.69 16.03
CA GLN A 205 -9.00 15.72 15.02
C GLN A 205 -10.46 15.89 14.58
N LEU A 206 -10.72 15.48 13.34
CA LEU A 206 -12.01 15.53 12.74
C LEU A 206 -12.24 14.24 11.92
N LEU A 207 -13.09 13.36 12.44
CA LEU A 207 -13.52 12.14 11.75
C LEU A 207 -14.84 12.32 11.00
N VAL A 208 -14.81 12.03 9.71
CA VAL A 208 -15.82 12.39 8.76
C VAL A 208 -16.19 11.19 7.89
N ASN A 209 -17.49 10.96 7.69
CA ASN A 209 -17.99 9.90 6.83
C ASN A 209 -18.05 10.38 5.43
N VAL A 210 -17.27 9.76 4.57
CA VAL A 210 -17.33 10.01 3.15
C VAL A 210 -16.68 8.81 2.52
N PRO A 211 -17.14 8.43 1.33
CA PRO A 211 -16.47 7.35 0.65
C PRO A 211 -15.12 7.79 0.10
N LEU A 212 -14.10 6.98 0.33
CA LEU A 212 -12.75 7.22 -0.19
C LEU A 212 -12.60 7.66 -1.66
N ASN A 213 -13.46 7.20 -2.54
CA ASN A 213 -13.40 7.65 -3.94
C ASN A 213 -14.12 9.00 -4.17
N SER A 214 -14.81 9.54 -3.15
CA SER A 214 -15.59 10.77 -3.31
C SER A 214 -14.90 11.93 -3.99
N PRO A 215 -15.63 12.61 -4.91
CA PRO A 215 -15.05 13.84 -5.49
C PRO A 215 -14.97 15.02 -4.45
N LEU A 216 -15.60 14.90 -3.27
CA LEU A 216 -15.52 15.94 -2.25
C LEU A 216 -14.15 16.01 -1.65
N LEU A 217 -13.52 14.87 -1.47
CA LEU A 217 -12.14 14.87 -1.09
C LEU A 217 -11.31 15.52 -2.18
N ASP A 218 -11.77 15.48 -3.42
CA ASP A 218 -10.95 16.06 -4.48
C ASP A 218 -10.98 17.57 -4.38
N ALA A 219 -12.18 18.10 -4.14
CA ALA A 219 -12.38 19.52 -3.82
C ALA A 219 -11.41 19.98 -2.73
N VAL A 220 -11.28 19.16 -1.70
CA VAL A 220 -10.47 19.49 -0.56
C VAL A 220 -9.01 19.59 -0.95
N PHE A 221 -8.48 18.56 -1.60
CA PHE A 221 -7.08 18.50 -1.87
C PHE A 221 -6.71 19.50 -2.96
N ARG A 222 -7.71 19.82 -3.82
CA ARG A 222 -7.48 20.85 -4.83
C ARG A 222 -7.50 22.25 -4.22
N GLY A 223 -8.47 22.56 -3.38
CA GLY A 223 -8.49 23.86 -2.75
C GLY A 223 -8.95 24.99 -3.67
N GLY A 224 -8.36 26.17 -3.48
CA GLY A 224 -8.78 27.39 -4.13
C GLY A 224 -10.24 27.72 -3.84
N LEU A 225 -10.71 27.53 -2.62
CA LEU A 225 -12.10 27.84 -2.35
C LEU A 225 -12.33 29.19 -1.65
N THR A 226 -13.46 29.84 -1.94
CA THR A 226 -13.84 30.99 -1.10
C THR A 226 -14.30 30.43 0.23
N GLY A 227 -14.28 31.29 1.24
CA GLY A 227 -14.89 30.98 2.51
C GLY A 227 -16.35 30.48 2.42
N THR A 228 -17.18 31.03 1.55
CA THR A 228 -18.55 30.49 1.50
C THR A 228 -18.54 29.17 0.78
N GLU A 229 -17.51 28.95 -0.03
CA GLU A 229 -17.46 27.70 -0.77
C GLU A 229 -17.04 26.58 0.19
N LEU A 230 -16.28 26.91 1.23
CA LEU A 230 -15.88 25.96 2.22
C LEU A 230 -17.02 25.57 3.03
N ASP A 231 -17.92 26.52 3.31
CA ASP A 231 -19.10 26.22 4.11
C ASP A 231 -19.99 25.28 3.31
N ASP A 232 -20.09 25.54 2.02
CA ASP A 232 -20.92 24.68 1.18
C ASP A 232 -20.36 23.27 1.21
N LEU A 233 -19.05 23.16 0.98
CA LEU A 233 -18.34 21.90 1.00
C LEU A 233 -18.57 21.17 2.29
N ALA A 234 -18.23 21.87 3.35
CA ALA A 234 -18.42 21.31 4.66
C ALA A 234 -19.89 20.88 4.95
N ALA A 235 -20.89 21.52 4.32
CA ALA A 235 -22.33 21.11 4.47
C ALA A 235 -22.69 19.86 3.65
N ARG A 236 -21.99 19.65 2.54
CA ARG A 236 -22.08 18.43 1.77
C ARG A 236 -21.43 17.22 2.47
N PHE A 237 -20.44 17.45 3.35
CA PHE A 237 -19.92 16.38 4.18
C PHE A 237 -20.78 16.17 5.39
N GLY A 238 -21.95 16.85 5.46
CA GLY A 238 -22.87 16.83 6.63
C GLY A 238 -22.29 17.37 7.95
N LEU A 239 -21.51 18.43 7.89
CA LEU A 239 -20.93 19.02 9.09
C LEU A 239 -21.70 20.29 9.47
N ASP A 240 -21.73 20.64 10.77
CA ASP A 240 -22.01 22.02 11.22
C ASP A 240 -21.63 22.31 12.68
N GLY A 241 -22.03 23.47 13.20
CA GLY A 241 -21.61 23.85 14.54
C GLY A 241 -20.10 23.84 14.64
N GLU A 242 -19.57 23.37 15.79
CA GLU A 242 -18.13 23.40 16.02
C GLU A 242 -17.36 22.50 15.07
N ARG A 243 -17.98 21.39 14.65
CA ARG A 243 -17.32 20.50 13.72
C ARG A 243 -17.05 21.25 12.42
N ALA A 244 -18.08 21.92 11.88
CA ALA A 244 -17.88 22.74 10.66
C ALA A 244 -16.76 23.81 10.77
N ALA A 245 -16.49 24.30 11.97
CA ALA A 245 -15.55 25.33 12.17
C ALA A 245 -14.12 24.72 12.29
N ARG A 246 -14.01 23.58 12.99
CA ARG A 246 -12.78 22.79 12.98
C ARG A 246 -12.41 22.47 11.53
N PHE A 247 -13.40 22.08 10.76
CA PHE A 247 -13.12 21.69 9.42
C PHE A 247 -12.49 22.89 8.76
N ALA A 248 -13.19 24.02 8.88
CA ALA A 248 -12.74 25.25 8.26
C ALA A 248 -11.30 25.67 8.66
N SER A 249 -10.85 25.26 9.83
CA SER A 249 -9.65 25.80 10.35
C SER A 249 -8.51 25.04 9.72
N TYR A 250 -8.82 23.99 8.95
CA TYR A 250 -7.72 23.22 8.36
C TYR A 250 -7.23 23.90 7.11
N PHE A 251 -7.90 25.00 6.75
CA PHE A 251 -7.53 25.72 5.53
C PHE A 251 -6.80 27.06 5.77
N GLU A 252 -5.81 27.36 4.92
CA GLU A 252 -5.08 28.60 5.00
C GLU A 252 -5.25 29.32 3.67
N PRO A 253 -4.97 30.63 3.63
CA PRO A 253 -4.96 31.43 2.39
C PRO A 253 -4.09 30.82 1.28
N THR A 254 -4.65 30.70 0.08
CA THR A 254 -3.89 30.13 -1.03
C THR A 254 -2.65 30.91 -1.43
N PRO A 255 -1.45 30.30 -1.27
CA PRO A 255 -0.21 30.98 -1.76
C PRO A 255 -0.18 31.20 -3.27
N GLU A 269 12.03 21.65 -17.63
CA GLU A 269 13.35 21.22 -16.98
C GLU A 269 13.49 19.63 -16.95
N ASP A 270 14.51 19.12 -16.17
CA ASP A 270 14.91 17.69 -16.26
C ASP A 270 15.50 17.28 -14.95
N VAL A 271 14.73 16.54 -14.16
CA VAL A 271 15.14 16.27 -12.81
C VAL A 271 14.95 14.77 -12.50
N LEU A 272 15.71 14.30 -11.51
CA LEU A 272 15.52 12.97 -10.94
C LEU A 272 15.67 13.04 -9.43
N GLU A 273 14.54 13.10 -8.73
CA GLU A 273 14.50 13.34 -7.32
C GLU A 273 14.15 12.09 -6.48
N TYR A 274 15.02 11.63 -5.60
CA TYR A 274 14.66 10.65 -4.56
C TYR A 274 14.00 11.40 -3.42
N VAL A 275 13.06 10.77 -2.73
CA VAL A 275 12.27 11.55 -1.82
C VAL A 275 11.83 10.78 -0.61
N GLY A 276 12.20 9.51 -0.51
CA GLY A 276 11.77 8.71 0.64
C GLY A 276 11.46 7.27 0.39
N HIS A 277 11.96 6.41 1.27
CA HIS A 277 11.77 4.96 1.16
C HIS A 277 12.06 4.39 -0.25
N ALA A 278 11.02 4.22 -1.09
CA ALA A 278 11.23 3.78 -2.47
C ALA A 278 10.53 4.69 -3.47
N CYS A 279 10.19 5.87 -3.01
CA CYS A 279 9.50 6.84 -3.80
C CYS A 279 10.48 7.77 -4.52
N VAL A 280 10.34 7.84 -5.84
CA VAL A 280 11.25 8.63 -6.66
C VAL A 280 10.46 9.46 -7.68
N PHE A 281 10.69 10.77 -7.74
CA PHE A 281 10.07 11.66 -8.73
C PHE A 281 10.96 11.89 -9.91
N ALA A 282 10.37 12.26 -11.06
CA ALA A 282 11.13 12.49 -12.31
C ALA A 282 10.46 13.41 -13.33
N ARG A 283 11.17 14.42 -13.85
CA ARG A 283 10.67 15.18 -15.03
C ARG A 283 11.60 14.94 -16.23
N HIS A 284 11.02 14.80 -17.41
CA HIS A 284 11.79 14.51 -18.58
C HIS A 284 11.06 15.16 -19.72
N ARG A 285 11.67 16.20 -20.31
CA ARG A 285 11.09 16.95 -21.41
C ARG A 285 9.64 17.25 -21.00
N GLY A 286 9.48 17.71 -19.77
CA GLY A 286 8.18 18.16 -19.26
C GLY A 286 7.10 17.12 -19.00
N THR A 287 7.47 15.84 -18.95
CA THR A 287 6.51 14.83 -18.51
C THR A 287 6.93 14.39 -17.10
N THR A 288 5.94 14.20 -16.24
CA THR A 288 6.24 13.89 -14.86
C THR A 288 5.99 12.43 -14.53
N PHE A 289 6.86 11.86 -13.71
CA PHE A 289 6.76 10.49 -13.20
C PHE A 289 6.89 10.42 -11.69
N LEU A 290 6.15 9.51 -11.06
CA LEU A 290 6.33 9.31 -9.64
C LEU A 290 6.15 7.81 -9.41
N VAL A 291 7.14 7.19 -8.73
CA VAL A 291 7.25 5.74 -8.50
C VAL A 291 7.04 5.46 -7.01
N ASP A 292 6.23 4.45 -6.69
CA ASP A 292 5.98 3.98 -5.32
C ASP A 292 5.71 5.10 -4.31
N PRO A 293 4.57 5.81 -4.47
CA PRO A 293 4.31 7.06 -3.75
C PRO A 293 4.10 6.97 -2.25
N VAL A 294 4.92 7.75 -1.56
CA VAL A 294 4.77 8.08 -0.14
C VAL A 294 5.52 9.37 0.12
N LEU A 295 4.81 10.32 0.72
CA LEU A 295 5.32 11.66 0.92
C LEU A 295 5.16 12.12 2.36
N SER A 296 6.08 12.97 2.83
CA SER A 296 5.99 13.53 4.19
C SER A 296 5.21 14.85 4.15
N TYR A 297 4.93 15.46 5.30
CA TYR A 297 4.20 16.73 5.31
C TYR A 297 5.13 17.94 5.52
N SER A 298 4.60 19.14 5.71
CA SER A 298 5.46 20.29 6.10
C SER A 298 4.59 21.38 6.69
N GLY A 299 5.22 22.46 7.13
CA GLY A 299 4.52 23.58 7.74
C GLY A 299 4.59 23.56 9.25
N TYR A 300 5.56 22.83 9.81
CA TYR A 300 5.67 22.78 11.24
C TYR A 300 7.13 23.00 11.63
N PRO A 301 7.34 23.71 12.77
CA PRO A 301 8.67 23.88 13.36
C PRO A 301 9.39 22.55 13.53
N GLY A 302 10.71 22.57 13.34
CA GLY A 302 11.54 21.46 13.82
C GLY A 302 11.62 20.29 12.87
N GLY A 303 11.31 20.56 11.60
CA GLY A 303 11.39 19.53 10.56
C GLY A 303 12.80 19.07 10.28
N ALA A 304 12.96 18.45 9.11
CA ALA A 304 14.26 18.08 8.61
C ALA A 304 14.47 18.87 7.35
N GLU A 305 15.60 19.54 7.24
CA GLU A 305 15.87 20.38 6.10
C GLU A 305 15.92 19.57 4.82
N ASN A 306 15.28 20.07 3.78
CA ASN A 306 15.40 19.52 2.43
C ASN A 306 14.45 18.38 2.08
N ARG A 307 13.44 18.13 2.91
CA ARG A 307 12.47 17.11 2.55
C ARG A 307 11.77 17.47 1.28
N PHE A 308 11.33 16.44 0.57
CA PHE A 308 10.49 16.63 -0.61
C PHE A 308 9.03 16.33 -0.23
N THR A 309 8.19 17.35 -0.27
CA THR A 309 6.87 17.30 0.39
C THR A 309 5.67 17.50 -0.55
N PHE A 310 4.45 17.18 -0.09
CA PHE A 310 3.22 17.53 -0.89
C PHE A 310 3.34 18.90 -1.52
N ALA A 311 3.99 19.81 -0.81
CA ALA A 311 4.19 21.16 -1.30
C ALA A 311 5.20 21.21 -2.49
N ASP A 312 6.24 20.37 -2.51
CA ASP A 312 7.19 20.36 -3.63
C ASP A 312 6.64 19.73 -4.96
N LEU A 313 5.35 19.39 -5.04
CA LEU A 313 4.86 18.65 -6.23
C LEU A 313 4.43 19.52 -7.40
N PRO A 314 4.77 19.11 -8.64
CA PRO A 314 4.27 19.84 -9.81
C PRO A 314 2.75 19.84 -9.89
N GLU A 315 2.25 20.56 -10.88
CA GLU A 315 0.82 20.72 -11.07
C GLU A 315 0.17 19.36 -11.33
N ARG A 316 0.72 18.62 -12.27
CA ARG A 316 0.17 17.37 -12.79
C ARG A 316 1.18 16.21 -12.67
N ILE A 317 0.67 15.04 -12.25
CA ILE A 317 1.46 13.81 -12.29
C ILE A 317 0.97 12.94 -13.43
N ASP A 318 1.83 12.83 -14.45
CA ASP A 318 1.42 12.33 -15.73
C ASP A 318 1.31 10.84 -15.66
N HIS A 319 2.26 10.25 -14.97
CA HIS A 319 2.45 8.82 -14.88
C HIS A 319 2.83 8.44 -13.45
N LEU A 320 1.95 7.67 -12.82
CA LEU A 320 2.20 7.11 -11.49
C LEU A 320 2.50 5.62 -11.65
N LEU A 321 3.66 5.19 -11.14
CA LEU A 321 4.05 3.78 -11.24
C LEU A 321 4.06 3.10 -9.85
N ILE A 322 3.71 1.82 -9.75
CA ILE A 322 3.68 1.12 -8.47
C ILE A 322 4.23 -0.27 -8.67
N THR A 323 5.17 -0.65 -7.85
CA THR A 323 5.89 -1.89 -8.14
C THR A 323 5.06 -3.02 -7.56
N HIS A 324 4.66 -2.89 -6.29
CA HIS A 324 3.81 -3.91 -5.75
C HIS A 324 2.75 -3.46 -4.79
N ASN A 325 2.04 -4.45 -4.33
CA ASN A 325 1.04 -4.22 -3.34
C ASN A 325 1.46 -4.37 -1.87
N HIS A 326 2.25 -3.42 -1.39
CA HIS A 326 2.61 -3.36 0.01
C HIS A 326 2.48 -1.91 0.35
N GLN A 327 1.99 -1.62 1.54
CA GLN A 327 1.71 -0.25 1.94
C GLN A 327 2.90 0.69 1.81
N ASP A 328 4.10 0.24 2.21
CA ASP A 328 5.31 1.07 2.04
C ASP A 328 5.55 1.56 0.63
N HIS A 329 4.88 0.98 -0.35
CA HIS A 329 5.06 1.35 -1.72
C HIS A 329 3.87 2.06 -2.33
N MET A 330 2.74 2.13 -1.63
CA MET A 330 1.61 2.78 -2.20
C MET A 330 0.65 3.06 -1.10
N LEU A 331 0.91 4.15 -0.40
CA LEU A 331 0.19 4.51 0.80
C LEU A 331 -1.06 5.26 0.48
N PHE A 332 -2.19 4.70 0.87
CA PHE A 332 -3.48 5.37 0.67
C PHE A 332 -3.51 6.86 1.02
N GLU A 333 -2.98 7.20 2.17
CA GLU A 333 -2.96 8.58 2.60
C GLU A 333 -2.31 9.43 1.53
N THR A 334 -1.05 9.14 1.15
CA THR A 334 -0.42 9.80 0.01
C THR A 334 -1.28 9.84 -1.28
N LEU A 335 -1.67 8.66 -1.78
CA LEU A 335 -2.48 8.54 -2.99
C LEU A 335 -3.77 9.35 -2.96
N LEU A 336 -4.51 9.32 -1.85
CA LEU A 336 -5.77 10.08 -1.87
C LEU A 336 -5.44 11.53 -2.09
N ARG A 337 -4.34 11.99 -1.52
CA ARG A 337 -3.98 13.40 -1.59
C ARG A 337 -3.58 13.91 -2.98
N ILE A 338 -3.04 13.03 -3.81
CA ILE A 338 -2.51 13.46 -5.11
C ILE A 338 -3.43 13.02 -6.26
N ARG A 339 -4.36 12.12 -5.94
CA ARG A 339 -5.39 11.67 -6.88
C ARG A 339 -5.75 12.72 -7.92
N HIS A 340 -6.14 13.92 -7.47
CA HIS A 340 -6.65 14.96 -8.37
C HIS A 340 -5.60 15.43 -9.39
N ARG A 341 -4.32 15.14 -9.16
CA ARG A 341 -3.25 15.60 -10.07
C ARG A 341 -2.74 14.51 -10.99
N VAL A 342 -3.32 13.30 -10.90
CA VAL A 342 -2.77 12.16 -11.62
C VAL A 342 -3.37 11.87 -13.01
N GLY A 343 -2.48 11.54 -13.95
CA GLY A 343 -2.87 11.15 -15.29
C GLY A 343 -3.14 9.67 -15.36
N ARG A 344 -2.09 8.88 -15.56
CA ARG A 344 -2.18 7.44 -15.72
C ARG A 344 -1.53 6.74 -14.55
N VAL A 345 -2.11 5.61 -14.10
CA VAL A 345 -1.45 4.75 -13.12
C VAL A 345 -1.03 3.44 -13.78
N LEU A 346 0.27 3.12 -13.72
CA LEU A 346 0.74 1.81 -14.18
C LEU A 346 0.95 0.89 -12.99
N VAL A 347 0.59 -0.39 -13.12
CA VAL A 347 0.53 -1.34 -11.99
C VAL A 347 0.73 -2.67 -12.63
N PRO A 348 1.15 -3.67 -11.84
CA PRO A 348 1.37 -4.97 -12.49
C PRO A 348 0.10 -5.73 -12.57
N LYS A 349 -0.05 -6.48 -13.64
CA LYS A 349 -1.23 -7.30 -14.00
C LYS A 349 -1.27 -8.58 -13.13
N SER A 350 -2.44 -8.95 -12.57
CA SER A 350 -2.71 -10.24 -11.78
C SER A 350 -4.16 -10.53 -12.20
N THR A 351 -4.54 -11.80 -12.28
CA THR A 351 -5.94 -12.19 -12.51
C THR A 351 -6.34 -13.27 -11.52
N ASN A 352 -5.64 -13.38 -10.39
CA ASN A 352 -5.83 -14.52 -9.53
C ASN A 352 -7.17 -14.45 -8.82
N ALA A 353 -7.49 -13.24 -8.42
CA ALA A 353 -8.74 -12.94 -7.95
C ALA A 353 -9.08 -13.94 -6.82
N SER A 354 -8.03 -14.03 -5.98
CA SER A 354 -7.94 -14.83 -4.79
C SER A 354 -7.90 -13.83 -3.62
N LEU A 355 -7.89 -14.48 -2.45
CA LEU A 355 -7.77 -13.84 -1.15
C LEU A 355 -6.40 -13.28 -0.89
N VAL A 356 -5.38 -14.07 -1.15
CA VAL A 356 -4.04 -13.57 -0.88
C VAL A 356 -3.68 -12.55 -1.90
N ASP A 357 -4.40 -12.53 -3.07
CA ASP A 357 -3.81 -11.71 -4.14
C ASP A 357 -4.85 -11.19 -5.05
N PRO A 358 -5.43 -10.03 -4.70
CA PRO A 358 -6.64 -9.64 -5.46
C PRO A 358 -6.26 -8.45 -6.28
N GLY A 359 -7.09 -8.09 -7.26
CA GLY A 359 -6.62 -7.25 -8.36
C GLY A 359 -6.31 -5.83 -7.96
N LEU A 360 -5.01 -5.51 -7.98
CA LEU A 360 -4.51 -4.17 -7.71
C LEU A 360 -5.28 -3.13 -8.52
N GLY A 361 -5.16 -3.20 -9.84
CA GLY A 361 -5.95 -2.34 -10.68
C GLY A 361 -7.38 -2.01 -10.22
N GLY A 362 -8.16 -3.02 -9.79
CA GLY A 362 -9.58 -2.75 -9.37
C GLY A 362 -9.64 -1.97 -8.03
N ILE A 363 -8.60 -2.15 -7.23
CA ILE A 363 -8.51 -1.48 -5.96
C ILE A 363 -8.31 -0.03 -6.27
N LEU A 364 -7.29 0.26 -7.07
CA LEU A 364 -7.12 1.63 -7.55
C LEU A 364 -8.41 2.27 -8.14
N ARG A 365 -9.27 1.49 -8.80
CA ARG A 365 -10.53 2.02 -9.37
C ARG A 365 -11.58 2.35 -8.34
N ARG A 366 -11.69 1.52 -7.33
CA ARG A 366 -12.51 1.89 -6.21
C ARG A 366 -11.95 3.07 -5.45
N LEU A 367 -10.65 3.30 -5.49
CA LEU A 367 -10.18 4.49 -4.83
C LEU A 367 -10.43 5.74 -5.64
N GLY A 368 -10.85 5.61 -6.90
CA GLY A 368 -11.25 6.78 -7.68
C GLY A 368 -10.34 7.09 -8.86
N PHE A 369 -9.20 6.37 -9.00
CA PHE A 369 -8.33 6.46 -10.18
C PHE A 369 -8.94 5.88 -11.45
N THR A 370 -9.20 6.72 -12.43
CA THR A 370 -10.00 6.30 -13.60
C THR A 370 -9.18 6.00 -14.86
N ASP A 371 -7.86 6.05 -14.75
CA ASP A 371 -7.00 5.67 -15.86
C ASP A 371 -5.83 4.86 -15.34
N VAL A 372 -6.05 3.56 -15.35
CA VAL A 372 -5.14 2.58 -14.76
C VAL A 372 -4.76 1.54 -15.78
N VAL A 373 -3.49 1.27 -15.96
CA VAL A 373 -3.14 0.32 -16.97
C VAL A 373 -2.33 -0.78 -16.35
N GLU A 374 -2.63 -2.00 -16.71
CA GLU A 374 -1.97 -3.15 -16.11
C GLU A 374 -0.97 -3.68 -17.13
N VAL A 375 0.26 -3.90 -16.69
CA VAL A 375 1.34 -4.23 -17.60
C VAL A 375 1.94 -5.60 -17.31
N ASP A 376 2.05 -6.44 -18.32
CA ASP A 376 2.56 -7.77 -18.14
C ASP A 376 4.11 -7.81 -18.21
N ASP A 377 4.72 -8.94 -17.87
CA ASP A 377 6.18 -8.98 -17.83
C ASP A 377 6.79 -8.57 -19.16
N LEU A 378 7.75 -7.67 -19.13
CA LEU A 378 8.44 -7.23 -20.35
C LEU A 378 7.54 -6.63 -21.45
N GLU A 379 6.32 -6.19 -21.14
CA GLU A 379 5.55 -5.34 -22.05
C GLU A 379 6.10 -3.93 -21.96
N THR A 380 5.95 -3.17 -23.04
CA THR A 380 6.54 -1.82 -23.15
C THR A 380 5.44 -0.83 -23.41
N LEU A 381 5.34 0.22 -22.60
CA LEU A 381 4.43 1.31 -22.87
C LEU A 381 5.18 2.57 -23.11
N SER A 382 4.76 3.32 -24.10
CA SER A 382 5.37 4.66 -24.26
C SER A 382 4.59 5.62 -23.38
N CYS A 383 5.34 6.55 -22.78
CA CYS A 383 4.81 7.49 -21.79
C CYS A 383 5.37 8.85 -22.08
N GLY A 384 4.53 9.79 -22.53
CA GLY A 384 5.06 11.11 -22.95
C GLY A 384 6.31 10.93 -23.83
N SER A 385 7.48 11.37 -23.36
CA SER A 385 8.72 11.19 -24.14
C SER A 385 9.57 10.02 -23.69
N ALA A 386 9.12 9.32 -22.64
CA ALA A 386 9.80 8.08 -22.24
C ALA A 386 9.16 6.78 -22.76
N GLU A 387 9.87 5.70 -22.48
CA GLU A 387 9.37 4.36 -22.67
C GLU A 387 9.50 3.67 -21.32
N VAL A 388 8.44 3.00 -20.87
CA VAL A 388 8.45 2.27 -19.61
C VAL A 388 8.32 0.80 -19.96
N VAL A 389 9.23 -0.02 -19.43
CA VAL A 389 9.18 -1.49 -19.59
C VAL A 389 8.90 -2.17 -18.24
N ALA A 390 8.01 -3.15 -18.19
CA ALA A 390 7.75 -3.86 -16.93
C ALA A 390 8.69 -5.02 -16.80
N LEU A 391 9.28 -5.20 -15.62
CA LEU A 391 10.26 -6.28 -15.43
C LEU A 391 9.79 -7.29 -14.42
N PRO A 392 10.18 -8.56 -14.62
CA PRO A 392 9.90 -9.67 -13.71
C PRO A 392 10.51 -9.34 -12.38
N PHE A 393 9.84 -9.79 -11.32
CA PHE A 393 10.03 -9.40 -9.96
C PHE A 393 9.81 -10.68 -9.23
N LEU A 394 10.83 -11.19 -8.56
CA LEU A 394 10.71 -12.40 -7.76
C LEU A 394 10.90 -12.16 -6.26
N GLY A 395 10.15 -12.94 -5.45
CA GLY A 395 10.22 -12.94 -3.96
C GLY A 395 9.56 -11.75 -3.30
N ASP A 396 9.72 -11.63 -1.98
CA ASP A 396 9.20 -10.56 -1.12
C ASP A 396 7.79 -10.89 -0.75
N HIS A 397 7.31 -12.04 -1.18
CA HIS A 397 5.91 -12.34 -0.94
C HIS A 397 5.69 -13.68 -0.29
N GLY A 398 6.69 -14.14 0.45
CA GLY A 398 6.47 -15.31 1.25
C GLY A 398 6.21 -16.58 0.46
N ASP A 399 6.85 -16.72 -0.71
CA ASP A 399 6.59 -17.84 -1.65
C ASP A 399 5.05 -18.09 -1.83
N LEU A 400 4.23 -17.01 -1.72
CA LEU A 400 2.77 -17.08 -1.87
C LEU A 400 2.28 -16.89 -3.31
N ARG A 401 1.04 -17.28 -3.64
CA ARG A 401 0.61 -17.16 -5.05
C ARG A 401 0.03 -15.79 -5.40
N ILE A 402 0.94 -14.85 -5.68
CA ILE A 402 0.62 -13.45 -5.95
C ILE A 402 1.32 -12.80 -7.08
N ARG A 403 0.55 -12.23 -7.99
CA ARG A 403 1.09 -11.88 -9.26
C ARG A 403 1.33 -10.35 -9.34
N SER A 404 0.72 -9.62 -8.43
CA SER A 404 0.92 -8.18 -8.41
C SER A 404 2.32 -7.70 -8.01
N LYS A 405 3.31 -7.92 -8.86
CA LYS A 405 4.67 -7.36 -8.60
C LYS A 405 5.37 -7.12 -9.91
N THR A 406 6.05 -6.00 -10.01
CA THR A 406 6.87 -5.75 -11.16
C THR A 406 7.96 -4.76 -10.73
N GLY A 407 9.10 -4.80 -11.40
CA GLY A 407 9.91 -3.61 -11.37
C GLY A 407 9.65 -2.82 -12.65
N TRP A 408 10.09 -1.56 -12.69
CA TRP A 408 10.02 -0.74 -13.88
C TRP A 408 11.39 -0.27 -14.45
N LEU A 409 11.56 -0.35 -15.77
CA LEU A 409 12.70 0.23 -16.46
C LEU A 409 12.15 1.39 -17.23
N ILE A 410 12.75 2.54 -17.03
CA ILE A 410 12.31 3.71 -17.77
C ILE A 410 13.42 4.20 -18.69
N ARG A 411 13.10 4.25 -19.98
CA ARG A 411 14.05 4.83 -20.94
C ARG A 411 13.67 6.29 -21.29
N PHE A 412 14.45 7.23 -20.73
CA PHE A 412 14.41 8.65 -21.09
C PHE A 412 15.44 8.88 -22.19
N GLY A 413 15.11 8.53 -23.44
CA GLY A 413 16.04 8.62 -24.56
C GLY A 413 17.22 7.71 -24.31
N GLU A 414 18.40 8.29 -24.09
CA GLU A 414 19.64 7.50 -24.02
C GLU A 414 19.98 7.12 -22.59
N ARG A 415 19.51 7.87 -21.61
CA ARG A 415 19.66 7.42 -20.22
C ARG A 415 18.47 6.52 -19.87
N SER A 416 18.72 5.50 -19.05
CA SER A 416 17.75 4.47 -18.84
C SER A 416 17.87 3.90 -17.42
N VAL A 417 16.82 4.12 -16.65
CA VAL A 417 16.84 3.85 -15.22
C VAL A 417 15.87 2.74 -14.82
N LEU A 418 16.33 1.89 -13.92
CA LEU A 418 15.58 0.74 -13.48
C LEU A 418 15.29 0.81 -11.99
N PHE A 419 14.02 0.70 -11.66
CA PHE A 419 13.55 0.65 -10.30
C PHE A 419 13.19 -0.75 -9.93
N ALA A 420 13.89 -1.31 -8.94
CA ALA A 420 13.69 -2.70 -8.58
C ALA A 420 12.93 -2.91 -7.26
N ALA A 421 12.66 -1.86 -6.49
CA ALA A 421 11.92 -2.04 -5.24
C ALA A 421 12.43 -3.22 -4.39
N ASP A 422 11.51 -3.93 -3.74
CA ASP A 422 11.90 -5.05 -2.84
C ASP A 422 12.31 -6.35 -3.55
N SER A 423 12.21 -6.38 -4.87
CA SER A 423 12.50 -7.61 -5.57
C SER A 423 13.95 -8.07 -5.30
N THR A 424 14.05 -9.36 -5.00
CA THR A 424 15.24 -10.06 -4.61
C THR A 424 15.73 -10.91 -5.79
N ASN A 425 17.05 -11.01 -6.01
CA ASN A 425 17.60 -11.90 -7.02
C ASN A 425 17.84 -13.36 -6.56
N ILE A 426 16.77 -14.11 -6.36
CA ILE A 426 16.85 -15.49 -5.90
C ILE A 426 16.85 -16.49 -7.01
N SER A 427 16.71 -16.07 -8.27
CA SER A 427 16.86 -16.97 -9.42
C SER A 427 18.15 -16.61 -10.23
N PRO A 428 19.19 -17.47 -10.16
CA PRO A 428 20.49 -17.17 -10.74
C PRO A 428 20.47 -16.42 -12.07
N THR A 429 19.97 -17.08 -13.12
CA THR A 429 20.21 -16.45 -14.42
C THR A 429 19.15 -15.46 -14.92
N MET A 430 18.10 -15.23 -14.13
CA MET A 430 16.93 -14.54 -14.66
C MET A 430 17.37 -13.18 -15.12
N TYR A 431 18.20 -12.54 -14.33
CA TYR A 431 18.80 -11.30 -14.76
C TYR A 431 19.67 -11.36 -16.02
N THR A 432 20.43 -12.43 -16.22
CA THR A 432 21.12 -12.49 -17.50
C THR A 432 20.11 -12.48 -18.65
N LYS A 433 19.20 -13.43 -18.64
CA LYS A 433 18.15 -13.50 -19.68
C LYS A 433 17.36 -12.19 -19.82
N VAL A 434 17.03 -11.55 -18.71
CA VAL A 434 16.28 -10.30 -18.79
C VAL A 434 17.09 -9.26 -19.58
N ALA A 435 18.40 -9.18 -19.28
CA ALA A 435 19.33 -8.19 -19.93
C ALA A 435 19.46 -8.40 -21.44
N GLU A 436 19.57 -9.67 -21.83
CA GLU A 436 19.56 -10.06 -23.22
C GLU A 436 18.40 -9.48 -24.02
N VAL A 437 17.24 -9.26 -23.38
CA VAL A 437 16.05 -8.74 -24.05
C VAL A 437 15.98 -7.24 -23.97
N ILE A 438 16.35 -6.65 -22.84
CA ILE A 438 16.16 -5.24 -22.64
C ILE A 438 17.32 -4.31 -22.99
N GLY A 439 18.51 -4.85 -23.28
CA GLY A 439 19.67 -4.00 -23.60
C GLY A 439 20.30 -3.40 -22.35
N PRO A 440 21.14 -2.34 -22.49
CA PRO A 440 22.06 -1.96 -21.39
C PRO A 440 21.31 -1.09 -20.37
N VAL A 441 21.74 -1.02 -19.11
CA VAL A 441 21.07 -0.09 -18.16
C VAL A 441 22.08 0.74 -17.38
N ASP A 442 21.78 2.04 -17.27
CA ASP A 442 22.69 3.06 -16.70
C ASP A 442 22.64 3.11 -15.21
N THR A 443 21.43 3.14 -14.70
CA THR A 443 21.19 3.41 -13.29
C THR A 443 20.21 2.38 -12.68
N VAL A 444 20.45 2.08 -11.42
CA VAL A 444 19.73 1.02 -10.77
C VAL A 444 19.40 1.42 -9.34
N PHE A 445 18.15 1.21 -8.92
CA PHE A 445 17.77 1.32 -7.51
C PHE A 445 17.32 -0.03 -6.99
N ILE A 446 18.03 -0.53 -5.99
CA ILE A 446 17.69 -1.82 -5.46
C ILE A 446 17.43 -1.64 -3.98
N GLY A 447 16.58 -2.50 -3.45
CA GLY A 447 16.17 -2.42 -2.08
C GLY A 447 16.70 -3.59 -1.32
N MET A 448 17.34 -3.25 -0.20
CA MET A 448 18.10 -4.20 0.59
C MET A 448 17.59 -4.28 2.03
N GLU A 449 16.28 -4.17 2.25
CA GLU A 449 15.71 -4.67 3.50
C GLU A 449 16.00 -6.17 3.62
N SER A 450 17.33 -6.53 3.61
CA SER A 450 17.85 -7.94 3.39
C SER A 450 17.30 -8.99 4.42
N ILE A 451 16.65 -8.46 5.48
CA ILE A 451 15.81 -9.23 6.42
C ILE A 451 14.72 -8.28 6.93
N GLY A 452 13.49 -8.78 6.90
CA GLY A 452 12.38 -8.03 7.39
C GLY A 452 11.47 -9.05 8.03
N ALA A 453 10.18 -8.70 8.07
CA ALA A 453 9.10 -9.49 8.69
C ALA A 453 8.78 -10.91 8.19
N ALA A 454 8.16 -11.67 9.10
CA ALA A 454 7.45 -12.88 8.74
C ALA A 454 6.27 -12.53 7.87
N ALA A 455 6.02 -13.39 6.88
CA ALA A 455 5.02 -13.10 5.90
C ALA A 455 3.60 -13.20 6.50
N SER A 456 3.43 -14.06 7.50
CA SER A 456 2.18 -14.13 8.21
C SER A 456 1.78 -12.83 8.95
N TRP A 457 2.78 -11.98 9.17
CA TRP A 457 2.61 -10.66 9.77
C TRP A 457 1.69 -9.77 8.92
N ILE A 458 1.84 -9.84 7.61
CA ILE A 458 0.92 -9.19 6.74
C ILE A 458 -0.24 -10.08 6.30
N TYR A 459 0.11 -11.28 5.80
CA TYR A 459 -0.81 -12.15 5.06
C TYR A 459 -1.50 -13.17 5.92
N GLY A 460 -0.86 -13.49 7.07
CA GLY A 460 -1.42 -14.42 8.07
C GLY A 460 -2.98 -14.52 8.19
N PRO A 461 -3.67 -13.38 8.40
CA PRO A 461 -5.16 -13.58 8.57
C PRO A 461 -5.91 -14.04 7.30
N LEU A 462 -5.24 -14.13 6.16
CA LEU A 462 -5.95 -14.53 4.93
C LEU A 462 -5.85 -16.03 4.66
N TYR A 463 -4.91 -16.68 5.33
CA TYR A 463 -4.65 -18.08 5.13
C TYR A 463 -5.85 -18.89 5.60
N GLY A 464 -5.82 -20.19 5.31
CA GLY A 464 -7.00 -20.98 5.57
C GLY A 464 -6.99 -21.51 6.98
N GLU A 465 -5.83 -22.01 7.39
CA GLU A 465 -5.53 -22.45 8.75
C GLU A 465 -4.05 -22.02 8.97
N PRO A 466 -3.58 -22.07 10.21
CA PRO A 466 -2.16 -21.71 10.30
C PRO A 466 -1.22 -22.84 9.87
N LEU A 467 -0.05 -22.44 9.41
CA LEU A 467 1.12 -23.32 9.38
C LEU A 467 1.67 -23.56 10.78
N ASP A 468 2.28 -24.72 10.96
CA ASP A 468 3.11 -24.98 12.16
C ASP A 468 4.20 -23.88 12.33
N ARG A 469 4.35 -23.35 13.55
CA ARG A 469 5.17 -22.15 13.73
C ARG A 469 6.57 -22.18 13.10
N ARG A 470 7.24 -23.31 13.10
CA ARG A 470 8.65 -23.28 12.70
C ARG A 470 8.75 -23.15 11.20
N THR A 471 7.79 -23.73 10.52
CA THR A 471 7.67 -23.50 9.09
C THR A 471 7.37 -22.03 8.75
N ASP A 472 6.39 -21.43 9.44
CA ASP A 472 5.92 -20.10 9.11
C ASP A 472 7.08 -19.18 9.22
N GLN A 473 7.99 -19.61 10.07
CA GLN A 473 9.11 -18.82 10.39
C GLN A 473 10.06 -18.73 9.25
N SER A 474 10.21 -19.76 8.43
CA SER A 474 11.16 -19.69 7.30
C SER A 474 10.58 -18.92 6.09
N ARG A 475 9.30 -18.54 6.15
CA ARG A 475 8.64 -17.75 5.10
C ARG A 475 8.58 -16.22 5.35
N ARG A 476 9.62 -15.52 4.88
CA ARG A 476 9.81 -14.10 5.19
C ARG A 476 9.53 -13.16 4.00
N LEU A 477 9.37 -11.87 4.29
CA LEU A 477 9.44 -10.83 3.27
C LEU A 477 10.84 -10.10 3.20
N ASN A 478 11.75 -10.58 2.38
CA ASN A 478 13.05 -9.96 2.37
C ASN A 478 13.48 -9.39 1.04
N GLY A 479 14.24 -8.32 1.13
CA GLY A 479 14.89 -7.71 0.00
C GLY A 479 16.16 -8.44 -0.30
N SER A 480 16.79 -8.09 -1.41
CA SER A 480 18.06 -8.71 -1.74
C SER A 480 19.07 -8.39 -0.69
N ASN A 481 19.81 -9.39 -0.28
CA ASN A 481 21.04 -9.18 0.52
C ASN A 481 22.29 -8.85 -0.34
N PHE A 482 23.47 -8.70 0.28
CA PHE A 482 24.73 -8.37 -0.48
C PHE A 482 25.07 -9.24 -1.70
N PRO A 483 25.25 -10.59 -1.52
CA PRO A 483 25.64 -11.42 -2.69
C PRO A 483 24.66 -11.31 -3.84
N GLN A 484 23.35 -11.43 -3.53
CA GLN A 484 22.26 -11.36 -4.51
C GLN A 484 22.34 -10.03 -5.24
N ALA A 485 22.27 -8.95 -4.46
CA ALA A 485 22.49 -7.61 -5.01
C ALA A 485 23.73 -7.46 -5.93
N ARG A 486 24.88 -7.98 -5.50
CA ARG A 486 26.12 -7.98 -6.30
C ARG A 486 25.85 -8.52 -7.72
N GLU A 487 25.37 -9.76 -7.77
CA GLU A 487 25.00 -10.39 -9.01
C GLU A 487 23.93 -9.66 -9.82
N ILE A 488 23.12 -8.80 -9.21
CA ILE A 488 22.27 -8.00 -10.06
C ILE A 488 23.11 -6.98 -10.79
N VAL A 489 23.86 -6.20 -10.02
CA VAL A 489 24.80 -5.21 -10.56
C VAL A 489 25.71 -5.81 -11.64
N ASP A 490 26.39 -6.90 -11.28
CA ASP A 490 27.29 -7.55 -12.23
C ASP A 490 26.64 -7.98 -13.56
N ALA A 491 25.33 -8.15 -13.59
CA ALA A 491 24.67 -8.63 -14.82
C ALA A 491 23.97 -7.52 -15.62
N LEU A 492 23.91 -6.31 -15.07
CA LEU A 492 23.25 -5.22 -15.74
C LEU A 492 24.27 -4.14 -16.11
N GLU A 493 25.47 -4.20 -15.49
CA GLU A 493 26.54 -3.17 -15.62
C GLU A 493 26.05 -1.71 -15.66
N PRO A 494 25.65 -1.23 -14.48
CA PRO A 494 25.16 0.12 -14.39
C PRO A 494 26.35 0.96 -14.04
N ASP A 495 26.29 2.26 -14.32
CA ASP A 495 27.30 3.23 -13.91
C ASP A 495 26.95 3.87 -12.56
N GLU A 496 25.66 3.81 -12.19
CA GLU A 496 25.16 4.41 -10.96
C GLU A 496 24.26 3.41 -10.26
N VAL A 497 24.31 3.37 -8.93
CA VAL A 497 23.68 2.29 -8.19
C VAL A 497 23.36 2.72 -6.79
N TYR A 498 22.08 3.01 -6.54
CA TYR A 498 21.59 3.54 -5.27
C TYR A 498 20.81 2.46 -4.55
N VAL A 499 20.80 2.45 -3.22
CA VAL A 499 19.98 1.46 -2.54
C VAL A 499 18.91 2.15 -1.74
N TYR A 500 17.65 1.75 -1.99
CA TYR A 500 16.51 2.42 -1.38
C TYR A 500 15.63 1.43 -0.70
N ALA A 501 14.35 1.74 -0.57
CA ALA A 501 13.38 0.83 0.07
C ALA A 501 13.81 0.42 1.46
N MET A 502 14.55 1.31 2.12
CA MET A 502 15.33 0.91 3.27
C MET A 502 14.57 1.09 4.53
N GLY A 503 13.62 2.03 4.55
CA GLY A 503 12.73 2.17 5.70
C GLY A 503 13.39 3.07 6.73
N LEU A 504 14.36 3.90 6.32
CA LEU A 504 15.06 4.83 7.24
C LEU A 504 14.16 6.01 7.70
N GLU A 505 13.68 6.79 6.75
CA GLU A 505 12.90 7.98 7.04
C GLU A 505 11.85 7.79 8.15
N PRO A 506 11.85 8.71 9.12
CA PRO A 506 11.00 8.56 10.29
C PRO A 506 9.55 8.39 9.96
N TRP A 507 9.06 9.04 8.92
CA TRP A 507 7.60 9.03 8.67
C TRP A 507 7.06 7.68 8.21
N MET A 508 7.95 6.73 7.91
CA MET A 508 7.57 5.42 7.47
C MET A 508 7.10 4.63 8.66
N GLY A 509 7.29 5.18 9.85
CA GLY A 509 6.88 4.48 11.05
C GLY A 509 5.37 4.27 11.12
N VAL A 510 4.63 4.92 10.20
CA VAL A 510 3.16 4.73 10.07
C VAL A 510 2.81 3.27 9.89
N VAL A 511 3.73 2.57 9.24
CA VAL A 511 3.45 1.30 8.77
C VAL A 511 4.64 0.29 8.94
N MET A 512 5.77 0.72 9.52
CA MET A 512 6.88 -0.19 9.87
C MET A 512 7.79 0.44 10.93
N PRO A 521 22.88 -4.42 10.84
CA PRO A 521 22.85 -5.79 10.24
C PRO A 521 22.67 -5.78 8.69
N ALA A 522 21.54 -5.24 8.24
CA ALA A 522 21.29 -5.02 6.82
C ALA A 522 22.15 -3.88 6.21
N ILE A 523 22.54 -2.90 7.04
CA ILE A 523 23.46 -1.81 6.64
C ILE A 523 24.88 -2.34 6.33
N VAL A 524 25.32 -3.34 7.12
CA VAL A 524 26.56 -4.03 6.82
C VAL A 524 26.52 -4.34 5.31
N ASP A 525 25.46 -5.06 4.92
CA ASP A 525 25.28 -5.49 3.53
C ASP A 525 25.21 -4.35 2.51
N SER A 526 24.51 -3.28 2.84
CA SER A 526 24.39 -2.14 1.94
C SER A 526 25.78 -1.61 1.63
N ASP A 527 26.60 -1.56 2.67
CA ASP A 527 27.90 -0.96 2.60
C ASP A 527 28.86 -1.84 1.84
N LEU A 528 28.77 -3.14 2.09
CA LEU A 528 29.49 -4.10 1.28
C LEU A 528 29.29 -3.82 -0.20
N LEU A 529 28.04 -3.52 -0.55
CA LEU A 529 27.64 -3.23 -1.91
C LEU A 529 28.10 -1.87 -2.41
N VAL A 530 27.98 -0.84 -1.57
CA VAL A 530 28.51 0.46 -1.99
C VAL A 530 30.00 0.29 -2.37
N ARG A 531 30.80 -0.36 -1.53
CA ARG A 531 32.21 -0.57 -1.89
C ARG A 531 32.36 -1.42 -3.12
N HIS A 532 31.80 -2.63 -3.14
CA HIS A 532 31.88 -3.41 -4.37
C HIS A 532 31.76 -2.52 -5.65
N VAL A 533 30.64 -1.78 -5.77
CA VAL A 533 30.31 -1.03 -7.02
C VAL A 533 31.30 0.10 -7.29
N GLN A 534 31.78 0.72 -6.21
CA GLN A 534 32.77 1.81 -6.33
C GLN A 534 34.13 1.28 -6.79
N ASP A 535 34.58 0.19 -6.16
CA ASP A 535 35.82 -0.53 -6.52
C ASP A 535 35.83 -1.01 -7.96
N LYS A 536 34.67 -1.08 -8.58
CA LYS A 536 34.64 -1.52 -9.94
C LYS A 536 34.38 -0.34 -10.88
N GLY A 537 34.68 0.86 -10.39
CA GLY A 537 34.81 2.06 -11.23
C GLY A 537 33.53 2.86 -11.44
N GLY A 538 32.70 2.97 -10.42
CA GLY A 538 31.40 3.58 -10.61
C GLY A 538 30.86 4.15 -9.35
N THR A 539 29.80 4.95 -9.50
CA THR A 539 29.07 5.63 -8.41
C THR A 539 28.14 4.68 -7.68
N ALA A 540 28.06 4.83 -6.37
CA ALA A 540 27.17 4.03 -5.55
C ALA A 540 26.84 4.86 -4.33
N GLU A 541 25.78 4.50 -3.63
CA GLU A 541 25.39 5.27 -2.48
C GLU A 541 24.06 4.81 -1.91
N ARG A 542 24.00 4.68 -0.59
CA ARG A 542 22.75 4.40 0.06
C ARG A 542 22.05 5.74 0.23
N LEU A 543 20.74 5.72 0.16
CA LEU A 543 19.97 6.97 0.23
C LEU A 543 19.18 7.09 1.54
N HIS A 544 19.09 8.34 2.00
CA HIS A 544 18.46 8.66 3.24
C HIS A 544 18.00 10.11 3.12
N LEU A 545 16.71 10.28 3.44
CA LEU A 545 16.01 11.58 3.48
C LEU A 545 15.65 12.22 2.15
N ARG A 546 16.65 12.50 1.29
CA ARG A 546 16.41 13.21 0.03
C ARG A 546 17.65 13.19 -0.83
N ARG A 547 17.52 13.52 -2.12
CA ARG A 547 18.66 13.59 -3.06
C ARG A 547 18.21 14.08 -4.43
N THR A 548 18.79 15.17 -4.93
CA THR A 548 18.62 15.47 -6.34
C THR A 548 19.65 14.62 -7.06
N LEU A 549 19.37 14.29 -8.32
CA LEU A 549 20.24 13.47 -9.16
C LEU A 549 20.08 13.92 -10.58
N ARG A 550 21.20 13.89 -11.29
CA ARG A 550 21.24 14.42 -12.62
C ARG A 550 20.46 13.48 -13.53
N LEU A 551 19.36 13.99 -14.08
CA LEU A 551 18.82 13.41 -15.29
C LEU A 551 18.68 14.52 -16.33
FE1 FEO B . 7.54 -5.55 -0.31
FE2 FEO B . 8.84 -2.51 1.00
O FEO B . 7.15 -4.09 0.69
K K C . -21.66 -2.50 -3.08
C ACT D . 10.64 -3.15 2.58
O ACT D . 9.61 -3.88 2.67
OXT ACT D . 10.91 -2.44 1.53
CH3 ACT D . 11.53 -3.07 3.81
#